data_6FHE
#
_entry.id   6FHE
#
_cell.length_a   51.020
_cell.length_b   51.020
_cell.length_c   296.379
_cell.angle_alpha   90.00
_cell.angle_beta   90.00
_cell.angle_gamma   90.00
#
_symmetry.space_group_name_H-M   'P 41 21 2'
#
loop_
_entity.id
_entity.type
_entity.pdbx_description
1 polymer 'Synthetic construct'
2 water water
#
_entity_poly.entity_id   1
_entity_poly.type   'polypeptide(L)'
_entity_poly.pdbx_seq_one_letter_code
;TIGSEFQNDIPDLYSVFKDYFPIGVAVDPSRLNDTDPHAQLTAKHFNMLTAENAMKPESLEPEEGRYNFEDADRIVAFAE
KHGMKMRGHTLVWHQQVPDWFFLDENGNPMVDETDPKNREANREELRQRMENHIKTVAGRYKGKIYAWDVVNEVFNDDGT
LRNSAWYQIIGPDYIEEALRAAHEADPNAKLFINDYNIENWSHAKTQAMYNMVRDFKERGVPVDGVGMQGHISLYYPSLE
EIEKALKAFAALGVEIMITELDVNTQGDVSPDALQEQAERMRDLFELFKKHSDKITGVTFWGVADDQSWKNNFPVPGRTN
APLLFDRNYQPKPAFWAIV
;
_entity_poly.pdbx_strand_id   A
#
# COMPACT_ATOMS: atom_id res chain seq x y z
N ASN A 8 17.80 -9.60 23.94
CA ASN A 8 16.53 -8.89 24.27
C ASN A 8 15.49 -9.91 24.72
N ASP A 9 14.70 -9.54 25.74
CA ASP A 9 13.85 -10.47 26.45
C ASP A 9 12.44 -10.51 25.86
N ILE A 10 12.00 -9.44 25.17
CA ILE A 10 10.64 -9.49 24.65
C ILE A 10 10.60 -10.22 23.31
N PRO A 11 9.45 -10.79 22.92
CA PRO A 11 9.35 -11.58 21.69
C PRO A 11 9.46 -10.70 20.44
N ASP A 12 10.02 -11.31 19.38
CA ASP A 12 10.09 -10.72 18.05
C ASP A 12 8.72 -10.79 17.39
N LEU A 13 8.12 -9.62 17.11
CA LEU A 13 6.75 -9.61 16.66
C LEU A 13 6.54 -10.55 15.47
N TYR A 14 7.46 -10.55 14.51
CA TYR A 14 7.16 -11.23 13.24
C TYR A 14 7.20 -12.74 13.45
N SER A 15 7.99 -13.18 14.43
CA SER A 15 8.07 -14.59 14.78
C SER A 15 6.74 -15.09 15.34
N VAL A 16 6.06 -14.25 16.11
CA VAL A 16 4.76 -14.63 16.64
C VAL A 16 3.82 -14.97 15.48
N PHE A 17 4.09 -14.43 14.30
CA PHE A 17 3.11 -14.54 13.23
C PHE A 17 3.61 -15.42 12.09
N LYS A 18 4.78 -16.04 12.28
CA LYS A 18 5.26 -17.11 11.41
C LYS A 18 4.12 -18.03 10.97
N ASP A 19 4.13 -18.36 9.68
CA ASP A 19 3.18 -19.29 9.05
C ASP A 19 1.74 -18.83 9.27
N TYR A 20 1.59 -17.53 9.53
CA TYR A 20 0.35 -16.84 9.26
C TYR A 20 0.59 -15.84 8.12
N PHE A 21 1.52 -14.90 8.35
CA PHE A 21 1.78 -13.84 7.37
C PHE A 21 2.89 -12.93 7.88
N PRO A 22 3.66 -12.28 6.98
CA PRO A 22 4.64 -11.25 7.37
C PRO A 22 4.01 -10.07 8.08
N ILE A 23 4.84 -9.40 8.90
CA ILE A 23 4.43 -8.24 9.66
C ILE A 23 5.34 -7.09 9.27
N GLY A 24 4.72 -5.98 8.84
CA GLY A 24 5.51 -4.94 8.22
C GLY A 24 5.39 -3.58 8.90
N VAL A 25 6.27 -2.68 8.49
CA VAL A 25 6.26 -1.32 8.97
C VAL A 25 6.74 -0.45 7.82
N ALA A 26 6.30 0.82 7.80
CA ALA A 26 6.75 1.79 6.83
C ALA A 26 7.82 2.65 7.48
N VAL A 27 8.89 2.95 6.73
CA VAL A 27 10.06 3.62 7.29
C VAL A 27 10.44 4.84 6.45
N ASP A 28 11.21 5.68 7.13
CA ASP A 28 11.84 6.87 6.64
C ASP A 28 13.30 6.48 6.42
N PRO A 29 13.96 6.92 5.32
CA PRO A 29 15.32 6.50 5.00
C PRO A 29 16.40 7.11 5.91
N SER A 30 15.97 8.08 6.73
CA SER A 30 16.87 8.75 7.65
C SER A 30 17.15 7.88 8.87
N ARG A 31 16.24 6.94 9.15
CA ARG A 31 16.17 6.27 10.44
C ARG A 31 16.82 4.89 10.36
N LEU A 32 17.79 4.71 9.45
CA LEU A 32 18.12 3.36 9.04
C LEU A 32 19.53 2.93 9.46
N ASN A 33 20.20 3.72 10.30
CA ASN A 33 21.57 3.46 10.72
C ASN A 33 21.59 2.53 11.93
N ASP A 34 22.70 1.78 12.08
CA ASP A 34 22.93 0.85 13.18
C ASP A 34 23.01 1.63 14.49
N THR A 35 23.51 2.86 14.39
CA THR A 35 23.54 3.80 15.50
C THR A 35 22.13 4.02 16.06
N ASP A 36 21.09 3.81 15.23
CA ASP A 36 19.74 4.25 15.55
C ASP A 36 18.89 3.08 16.06
N PRO A 37 18.30 3.21 17.28
CA PRO A 37 17.42 2.19 17.85
C PRO A 37 16.18 1.91 17.01
N HIS A 38 15.70 2.91 16.25
CA HIS A 38 14.58 2.73 15.33
C HIS A 38 14.90 1.59 14.36
N ALA A 39 16.09 1.66 13.79
CA ALA A 39 16.52 0.65 12.83
C ALA A 39 16.62 -0.71 13.53
N GLN A 40 16.99 -0.70 14.81
CA GLN A 40 17.12 -1.97 15.50
C GLN A 40 15.74 -2.55 15.79
N LEU A 41 14.82 -1.68 16.19
CA LEU A 41 13.45 -2.05 16.46
C LEU A 41 12.79 -2.60 15.18
N THR A 42 13.05 -1.95 14.04
CA THR A 42 12.54 -2.42 12.75
C THR A 42 13.06 -3.83 12.46
N ALA A 43 14.38 -4.01 12.53
CA ALA A 43 14.99 -5.28 12.17
C ALA A 43 14.58 -6.36 13.17
N LYS A 44 14.29 -5.97 14.41
CA LYS A 44 13.98 -6.97 15.42
C LYS A 44 12.57 -7.49 15.20
N HIS A 45 11.62 -6.61 14.89
CA HIS A 45 10.21 -6.97 15.02
C HIS A 45 9.53 -7.29 13.68
N PHE A 46 10.09 -6.80 12.58
CA PHE A 46 9.32 -6.83 11.34
C PHE A 46 10.13 -7.55 10.25
N ASN A 47 9.44 -8.24 9.35
CA ASN A 47 10.10 -8.94 8.27
C ASN A 47 9.50 -8.50 6.93
N MET A 48 8.86 -7.33 6.95
CA MET A 48 8.36 -6.71 5.73
C MET A 48 8.43 -5.18 5.88
N LEU A 49 8.74 -4.48 4.79
CA LEU A 49 9.09 -3.08 4.86
C LEU A 49 8.42 -2.33 3.71
N THR A 50 7.96 -1.12 3.97
CA THR A 50 7.51 -0.21 2.92
C THR A 50 8.17 1.16 3.12
N ALA A 51 8.43 1.86 2.02
CA ALA A 51 8.82 3.26 2.04
C ALA A 51 7.61 4.12 2.42
N GLU A 52 7.74 4.84 3.54
CA GLU A 52 6.71 5.80 3.91
C GLU A 52 6.43 6.78 2.76
N ASN A 53 7.46 7.33 2.09
CA ASN A 53 7.26 8.31 1.01
C ASN A 53 8.27 8.16 -0.13
N ALA A 54 9.37 7.46 0.08
CA ALA A 54 10.47 7.54 -0.87
C ALA A 54 10.11 6.97 -2.25
N MET A 55 8.99 6.23 -2.38
CA MET A 55 8.71 5.63 -3.68
C MET A 55 7.39 6.14 -4.25
N LYS A 56 6.87 7.19 -3.63
CA LYS A 56 5.72 7.88 -4.17
C LYS A 56 6.16 8.57 -5.45
N PRO A 57 5.24 8.82 -6.41
CA PRO A 57 5.59 9.47 -7.67
C PRO A 57 6.38 10.78 -7.53
N GLU A 58 5.99 11.66 -6.60
CA GLU A 58 6.65 12.96 -6.48
C GLU A 58 8.06 12.79 -5.94
N SER A 59 8.28 11.73 -5.16
CA SER A 59 9.61 11.48 -4.66
C SER A 59 10.52 10.95 -5.78
N LEU A 60 10.01 10.02 -6.59
CA LEU A 60 10.85 9.36 -7.56
C LEU A 60 11.05 10.20 -8.82
N GLU A 61 9.99 10.82 -9.34
CA GLU A 61 10.15 11.57 -10.57
C GLU A 61 9.70 13.02 -10.41
N PRO A 62 10.44 13.87 -9.64
CA PRO A 62 10.08 15.29 -9.43
C PRO A 62 9.82 16.11 -10.69
N GLU A 63 10.65 15.90 -11.72
CA GLU A 63 10.47 16.55 -13.00
C GLU A 63 10.43 15.49 -14.09
N GLU A 64 9.88 15.87 -15.25
CA GLU A 64 9.83 14.96 -16.38
C GLU A 64 11.19 14.31 -16.65
N GLY A 65 11.23 12.98 -16.51
CA GLY A 65 12.38 12.23 -16.95
C GLY A 65 13.55 12.39 -16.01
N ARG A 66 13.32 13.09 -14.88
CA ARG A 66 14.34 13.23 -13.86
C ARG A 66 13.97 12.39 -12.63
N TYR A 67 14.89 11.53 -12.20
CA TYR A 67 14.55 10.56 -11.18
C TYR A 67 15.54 10.72 -10.05
N ASN A 68 15.06 10.52 -8.82
CA ASN A 68 15.97 10.45 -7.70
C ASN A 68 15.64 9.23 -6.88
N PHE A 69 16.60 8.29 -6.82
CA PHE A 69 16.37 6.97 -6.27
C PHE A 69 17.09 6.81 -4.95
N GLU A 70 17.78 7.87 -4.49
CA GLU A 70 18.64 7.81 -3.32
C GLU A 70 17.92 7.16 -2.13
N ASP A 71 16.80 7.76 -1.68
CA ASP A 71 16.15 7.29 -0.47
C ASP A 71 15.51 5.92 -0.69
N ALA A 72 14.87 5.74 -1.84
CA ALA A 72 14.25 4.45 -2.14
C ALA A 72 15.27 3.32 -2.08
N ASP A 73 16.43 3.51 -2.73
CA ASP A 73 17.53 2.54 -2.69
C ASP A 73 17.98 2.22 -1.26
N ARG A 74 18.13 3.26 -0.44
CA ARG A 74 18.55 3.00 0.94
C ARG A 74 17.54 2.08 1.62
N ILE A 75 16.24 2.33 1.42
CA ILE A 75 15.22 1.52 2.07
C ILE A 75 15.30 0.05 1.62
N VAL A 76 15.42 -0.18 0.31
CA VAL A 76 15.49 -1.50 -0.28
C VAL A 76 16.72 -2.26 0.23
N ALA A 77 17.87 -1.59 0.26
CA ALA A 77 19.11 -2.15 0.79
C ALA A 77 18.91 -2.55 2.25
N PHE A 78 18.18 -1.72 2.99
CA PHE A 78 17.89 -2.10 4.35
C PHE A 78 17.14 -3.43 4.37
N ALA A 79 16.17 -3.60 3.46
CA ALA A 79 15.37 -4.81 3.48
C ALA A 79 16.23 -6.01 3.09
N GLU A 80 17.09 -5.83 2.07
CA GLU A 80 18.01 -6.86 1.62
C GLU A 80 18.89 -7.32 2.78
N LYS A 81 19.50 -6.36 3.49
CA LYS A 81 20.41 -6.73 4.56
C LYS A 81 19.72 -7.63 5.60
N HIS A 82 18.46 -7.34 5.95
CA HIS A 82 17.77 -8.03 7.03
C HIS A 82 16.79 -9.04 6.45
N GLY A 83 16.85 -9.21 5.13
CA GLY A 83 16.06 -10.21 4.42
C GLY A 83 14.56 -10.02 4.61
N MET A 84 14.08 -8.78 4.54
CA MET A 84 12.66 -8.52 4.70
C MET A 84 12.02 -8.45 3.31
N LYS A 85 10.73 -8.81 3.25
CA LYS A 85 9.97 -8.60 2.03
C LYS A 85 9.78 -7.11 1.82
N MET A 86 9.97 -6.65 0.58
CA MET A 86 9.88 -5.24 0.24
C MET A 86 8.54 -4.95 -0.46
N ARG A 87 7.73 -4.05 0.11
CA ARG A 87 6.57 -3.57 -0.62
C ARG A 87 6.96 -2.25 -1.28
N GLY A 88 6.61 -2.14 -2.56
CA GLY A 88 6.76 -0.88 -3.26
C GLY A 88 5.46 -0.08 -3.27
N HIS A 89 5.56 1.20 -2.93
CA HIS A 89 4.37 1.98 -2.64
C HIS A 89 4.67 3.41 -3.08
N THR A 90 4.08 3.86 -4.19
CA THR A 90 3.06 3.27 -5.04
C THR A 90 3.29 3.83 -6.46
N LEU A 91 2.88 3.08 -7.49
CA LEU A 91 3.36 3.43 -8.82
C LEU A 91 2.53 4.55 -9.41
N VAL A 92 1.22 4.51 -9.14
CA VAL A 92 0.22 5.37 -9.74
C VAL A 92 -0.79 5.79 -8.66
N TRP A 93 -0.98 7.11 -8.50
CA TRP A 93 -1.81 7.68 -7.44
C TRP A 93 -2.16 9.11 -7.84
N HIS A 94 -3.30 9.62 -7.37
CA HIS A 94 -3.72 10.99 -7.62
C HIS A 94 -3.10 11.98 -6.62
N GLN A 95 -2.45 11.49 -5.56
CA GLN A 95 -1.79 12.36 -4.59
C GLN A 95 -0.28 12.20 -4.70
N GLN A 96 0.47 13.16 -4.14
CA GLN A 96 1.93 13.09 -4.14
C GLN A 96 2.47 12.72 -5.51
N VAL A 97 1.88 13.36 -6.53
CA VAL A 97 2.22 13.19 -7.93
C VAL A 97 2.46 14.58 -8.52
N PRO A 98 3.67 14.85 -9.06
CA PRO A 98 4.01 16.17 -9.60
C PRO A 98 3.09 16.66 -10.71
N ASP A 99 2.92 18.00 -10.77
CA ASP A 99 1.98 18.59 -11.71
C ASP A 99 2.41 18.28 -13.13
N TRP A 100 3.74 18.23 -13.35
CA TRP A 100 4.25 18.14 -14.73
C TRP A 100 3.55 16.99 -15.44
N PHE A 101 3.20 15.93 -14.69
CA PHE A 101 2.67 14.71 -15.27
C PHE A 101 1.49 15.04 -16.17
N PHE A 102 0.71 16.04 -15.75
CA PHE A 102 -0.61 16.26 -16.35
C PHE A 102 -0.65 17.55 -17.17
N LEU A 103 0.52 18.13 -17.48
CA LEU A 103 0.58 19.33 -18.33
C LEU A 103 0.80 18.96 -19.79
N ASP A 104 0.09 19.66 -20.69
CA ASP A 104 0.14 19.49 -22.15
C ASP A 104 1.39 20.15 -22.76
N GLU A 105 1.40 20.26 -24.11
CA GLU A 105 2.56 20.69 -24.89
C GLU A 105 2.99 22.11 -24.50
N ASN A 106 2.00 23.00 -24.29
CA ASN A 106 2.24 24.40 -23.97
C ASN A 106 2.44 24.60 -22.48
N GLY A 107 2.02 23.62 -21.67
CA GLY A 107 2.16 23.67 -20.22
C GLY A 107 0.86 24.09 -19.53
N ASN A 108 -0.25 23.79 -20.19
CA ASN A 108 -1.59 24.01 -19.67
C ASN A 108 -2.15 22.71 -19.09
N PRO A 109 -3.01 22.78 -18.04
CA PRO A 109 -3.71 21.59 -17.55
C PRO A 109 -4.37 20.86 -18.72
N MET A 110 -3.91 19.62 -18.93
CA MET A 110 -4.46 18.70 -19.91
C MET A 110 -5.95 18.55 -19.70
N VAL A 111 -6.38 18.65 -18.43
CA VAL A 111 -7.76 18.42 -18.05
C VAL A 111 -8.65 19.43 -18.77
N ASP A 112 -8.09 20.62 -19.02
CA ASP A 112 -8.84 21.76 -19.53
C ASP A 112 -9.03 21.73 -21.03
N GLU A 113 -8.61 20.65 -21.70
CA GLU A 113 -8.67 20.59 -23.16
C GLU A 113 -10.05 20.14 -23.63
N THR A 114 -10.56 20.82 -24.68
CA THR A 114 -11.91 20.57 -25.20
C THR A 114 -11.87 19.90 -26.57
N ASP A 115 -10.81 20.18 -27.36
CA ASP A 115 -10.67 19.72 -28.74
C ASP A 115 -10.47 18.20 -28.79
N PRO A 116 -11.37 17.43 -29.45
CA PRO A 116 -11.24 15.96 -29.54
C PRO A 116 -9.95 15.36 -30.12
N LYS A 117 -9.27 16.10 -31.01
CA LYS A 117 -8.07 15.59 -31.66
C LYS A 117 -6.87 15.74 -30.73
N ASN A 118 -6.87 16.83 -29.96
CA ASN A 118 -5.78 17.13 -29.05
C ASN A 118 -5.91 16.27 -27.79
N ARG A 119 -7.16 15.96 -27.38
CA ARG A 119 -7.38 15.15 -26.20
C ARG A 119 -6.80 13.75 -26.42
N GLU A 120 -7.06 13.22 -27.62
CA GLU A 120 -6.57 11.94 -28.11
C GLU A 120 -5.05 11.91 -28.10
N ALA A 121 -4.43 13.08 -28.28
CA ALA A 121 -2.98 13.21 -28.26
C ALA A 121 -2.46 13.30 -26.83
N ASN A 122 -3.23 13.97 -25.95
CA ASN A 122 -2.91 14.06 -24.52
C ASN A 122 -3.00 12.67 -23.91
N ARG A 123 -4.07 11.95 -24.24
CA ARG A 123 -4.25 10.60 -23.76
C ARG A 123 -2.98 9.80 -23.99
N GLU A 124 -2.38 9.95 -25.19
CA GLU A 124 -1.30 9.08 -25.62
C GLU A 124 -0.02 9.42 -24.84
N GLU A 125 0.23 10.72 -24.67
CA GLU A 125 1.37 11.19 -23.89
C GLU A 125 1.28 10.73 -22.43
N LEU A 126 0.08 10.78 -21.82
CA LEU A 126 -0.05 10.37 -20.42
C LEU A 126 0.16 8.86 -20.29
N ARG A 127 -0.39 8.06 -21.19
CA ARG A 127 -0.14 6.62 -21.15
C ARG A 127 1.36 6.36 -21.16
N GLN A 128 2.08 6.99 -22.11
CA GLN A 128 3.52 6.89 -22.21
C GLN A 128 4.18 7.24 -20.87
N ARG A 129 3.83 8.41 -20.34
CA ARG A 129 4.43 8.91 -19.11
C ARG A 129 4.22 7.88 -17.98
N MET A 130 2.98 7.37 -17.85
CA MET A 130 2.62 6.41 -16.79
C MET A 130 3.46 5.15 -16.95
N GLU A 131 3.51 4.64 -18.18
CA GLU A 131 4.22 3.39 -18.46
C GLU A 131 5.73 3.54 -18.29
N ASN A 132 6.26 4.69 -18.71
CA ASN A 132 7.69 4.93 -18.55
C ASN A 132 8.08 4.97 -17.07
N HIS A 133 7.27 5.66 -16.28
CA HIS A 133 7.54 5.72 -14.85
C HIS A 133 7.56 4.28 -14.32
N ILE A 134 6.56 3.50 -14.70
CA ILE A 134 6.43 2.12 -14.20
C ILE A 134 7.65 1.27 -14.57
N LYS A 135 8.03 1.33 -15.86
CA LYS A 135 9.13 0.54 -16.38
C LYS A 135 10.43 0.94 -15.70
N THR A 136 10.57 2.25 -15.45
CA THR A 136 11.84 2.71 -14.91
C THR A 136 11.97 2.22 -13.48
N VAL A 137 10.92 2.43 -12.70
CA VAL A 137 11.00 2.18 -11.27
C VAL A 137 10.99 0.67 -11.01
N ALA A 138 10.00 -0.03 -11.57
CA ALA A 138 9.91 -1.47 -11.36
C ALA A 138 11.09 -2.15 -12.03
N GLY A 139 11.55 -1.57 -13.14
CA GLY A 139 12.74 -2.06 -13.82
C GLY A 139 13.98 -1.97 -12.92
N ARG A 140 14.20 -0.80 -12.31
CA ARG A 140 15.33 -0.65 -11.39
C ARG A 140 15.32 -1.72 -10.29
N TYR A 141 14.15 -1.99 -9.69
CA TYR A 141 14.06 -2.84 -8.51
C TYR A 141 13.62 -4.27 -8.86
N LYS A 142 13.65 -4.61 -10.15
CA LYS A 142 13.24 -5.90 -10.67
C LYS A 142 13.82 -7.04 -9.82
N GLY A 143 12.94 -7.94 -9.34
CA GLY A 143 13.30 -9.09 -8.52
C GLY A 143 13.46 -8.78 -7.03
N LYS A 144 13.34 -7.50 -6.63
CA LYS A 144 13.65 -7.17 -5.25
C LYS A 144 12.39 -6.84 -4.47
N ILE A 145 11.27 -6.81 -5.18
CA ILE A 145 10.02 -6.30 -4.64
C ILE A 145 9.01 -7.43 -4.45
N TYR A 146 8.64 -7.67 -3.20
CA TYR A 146 7.63 -8.70 -2.93
C TYR A 146 6.31 -8.30 -3.56
N ALA A 147 5.86 -7.06 -3.32
CA ALA A 147 4.59 -6.62 -3.87
C ALA A 147 4.66 -5.15 -4.22
N TRP A 148 4.09 -4.81 -5.39
CA TRP A 148 3.86 -3.43 -5.83
C TRP A 148 2.42 -3.08 -5.55
N ASP A 149 2.23 -1.94 -4.89
CA ASP A 149 0.99 -1.19 -4.98
C ASP A 149 1.01 -0.46 -6.31
N VAL A 150 0.30 -1.02 -7.29
CA VAL A 150 0.40 -0.48 -8.64
C VAL A 150 -0.46 0.76 -8.75
N VAL A 151 -1.66 0.67 -8.16
CA VAL A 151 -2.51 1.83 -8.06
C VAL A 151 -3.00 1.89 -6.64
N ASN A 152 -3.37 3.10 -6.22
CA ASN A 152 -3.79 3.32 -4.86
C ASN A 152 -4.97 4.27 -4.96
N GLU A 153 -6.05 3.98 -4.24
CA GLU A 153 -7.15 4.92 -4.05
C GLU A 153 -7.82 5.30 -5.36
N VAL A 154 -8.17 4.30 -6.18
CA VAL A 154 -8.75 4.59 -7.48
C VAL A 154 -10.25 4.89 -7.35
N PHE A 155 -10.83 4.56 -6.18
CA PHE A 155 -12.28 4.72 -6.01
C PHE A 155 -12.66 5.94 -5.17
N ASN A 156 -13.76 6.59 -5.57
CA ASN A 156 -14.52 7.43 -4.64
C ASN A 156 -15.15 6.54 -3.58
N ASP A 157 -15.59 7.15 -2.46
CA ASP A 157 -16.12 6.38 -1.34
C ASP A 157 -17.46 5.75 -1.72
N ASP A 158 -18.19 6.38 -2.64
CA ASP A 158 -19.45 5.83 -3.09
C ASP A 158 -19.25 4.61 -4.01
N GLY A 159 -18.00 4.30 -4.37
CA GLY A 159 -17.74 3.17 -5.25
C GLY A 159 -17.63 3.54 -6.73
N THR A 160 -17.83 4.83 -7.08
CA THR A 160 -17.56 5.30 -8.42
C THR A 160 -16.06 5.49 -8.52
N LEU A 161 -15.52 5.37 -9.74
CA LEU A 161 -14.11 5.60 -9.98
C LEU A 161 -13.82 7.06 -9.66
N ARG A 162 -12.64 7.33 -9.08
CA ARG A 162 -12.21 8.67 -8.74
C ARG A 162 -11.96 9.46 -10.02
N ASN A 163 -12.47 10.68 -10.07
CA ASN A 163 -12.34 11.50 -11.26
C ASN A 163 -10.99 12.23 -11.24
N SER A 164 -9.91 11.47 -11.09
CA SER A 164 -8.58 12.06 -11.03
C SER A 164 -8.13 12.36 -12.45
N ALA A 165 -6.95 12.97 -12.55
CA ALA A 165 -6.40 13.33 -13.84
C ALA A 165 -6.20 12.08 -14.67
N TRP A 166 -5.69 11.02 -14.02
CA TRP A 166 -5.45 9.73 -14.67
C TRP A 166 -6.72 9.28 -15.37
N TYR A 167 -7.84 9.45 -14.67
CA TYR A 167 -9.09 8.90 -15.13
C TYR A 167 -9.69 9.80 -16.21
N GLN A 168 -9.49 11.10 -16.06
CA GLN A 168 -10.13 12.02 -16.98
C GLN A 168 -9.45 11.90 -18.34
N ILE A 169 -8.13 11.74 -18.32
CA ILE A 169 -7.33 11.77 -19.53
C ILE A 169 -7.26 10.38 -20.17
N ILE A 170 -6.81 9.38 -19.41
CA ILE A 170 -6.76 8.05 -19.99
C ILE A 170 -8.15 7.44 -20.05
N GLY A 171 -9.03 7.85 -19.12
CA GLY A 171 -10.29 7.13 -18.92
C GLY A 171 -10.07 5.85 -18.13
N PRO A 172 -11.11 5.01 -17.94
CA PRO A 172 -11.05 3.91 -16.96
C PRO A 172 -9.98 2.83 -17.22
N ASP A 173 -9.26 2.96 -18.34
CA ASP A 173 -8.37 1.89 -18.75
C ASP A 173 -7.04 1.97 -18.00
N TYR A 174 -6.74 3.16 -17.45
CA TYR A 174 -5.41 3.43 -16.92
C TYR A 174 -5.02 2.34 -15.92
N ILE A 175 -6.02 1.66 -15.33
CA ILE A 175 -5.74 0.81 -14.19
C ILE A 175 -5.17 -0.52 -14.66
N GLU A 176 -5.97 -1.21 -15.47
CA GLU A 176 -5.49 -2.33 -16.24
C GLU A 176 -4.16 -2.00 -16.92
N GLU A 177 -4.01 -0.81 -17.50
CA GLU A 177 -2.76 -0.50 -18.19
C GLU A 177 -1.59 -0.42 -17.21
N ALA A 178 -1.87 0.09 -16.01
CA ALA A 178 -0.77 0.20 -15.07
C ALA A 178 -0.36 -1.19 -14.65
N LEU A 179 -1.34 -2.09 -14.49
CA LEU A 179 -1.08 -3.45 -14.01
C LEU A 179 -0.30 -4.27 -15.06
N ARG A 180 -0.70 -4.17 -16.33
CA ARG A 180 0.04 -4.90 -17.36
C ARG A 180 1.48 -4.39 -17.45
N ALA A 181 1.64 -3.06 -17.38
CA ALA A 181 2.98 -2.50 -17.54
C ALA A 181 3.83 -2.92 -16.36
N ALA A 182 3.24 -2.97 -15.15
CA ALA A 182 3.97 -3.44 -13.99
C ALA A 182 4.33 -4.92 -14.17
N HIS A 183 3.38 -5.70 -14.71
CA HIS A 183 3.59 -7.15 -14.82
C HIS A 183 4.74 -7.42 -15.78
N GLU A 184 4.73 -6.71 -16.91
CA GLU A 184 5.76 -6.82 -17.93
C GLU A 184 7.13 -6.41 -17.37
N ALA A 185 7.22 -5.27 -16.66
CA ALA A 185 8.47 -4.85 -16.06
C ALA A 185 8.99 -5.82 -14.99
N ASP A 186 8.13 -6.35 -14.09
CA ASP A 186 8.68 -7.26 -13.08
C ASP A 186 7.67 -8.38 -12.84
N PRO A 187 7.72 -9.51 -13.59
CA PRO A 187 6.75 -10.59 -13.42
C PRO A 187 6.79 -11.23 -12.03
N ASN A 188 7.91 -11.08 -11.32
CA ASN A 188 8.09 -11.73 -10.03
C ASN A 188 7.29 -11.02 -8.93
N ALA A 189 6.99 -9.72 -9.11
CA ALA A 189 6.35 -8.92 -8.06
C ALA A 189 4.84 -9.19 -7.97
N LYS A 190 4.29 -9.30 -6.74
CA LYS A 190 2.85 -9.45 -6.62
C LYS A 190 2.24 -8.08 -6.90
N LEU A 191 1.16 -8.05 -7.67
CA LEU A 191 0.59 -6.76 -8.03
C LEU A 191 -0.71 -6.48 -7.24
N PHE A 192 -0.71 -5.39 -6.46
CA PHE A 192 -1.79 -5.03 -5.57
C PHE A 192 -2.53 -3.77 -6.03
N ILE A 193 -3.81 -3.73 -5.75
CA ILE A 193 -4.61 -2.53 -5.88
C ILE A 193 -4.96 -2.18 -4.44
N ASN A 194 -4.71 -0.92 -4.07
CA ASN A 194 -4.76 -0.52 -2.68
C ASN A 194 -5.83 0.53 -2.44
N ASP A 195 -6.45 0.47 -1.25
CA ASP A 195 -7.44 1.50 -0.94
C ASP A 195 -7.83 1.49 0.54
N TYR A 196 -8.52 2.54 0.98
CA TYR A 196 -9.11 2.61 2.32
C TYR A 196 -10.62 2.50 2.16
N ASN A 197 -11.29 2.15 3.25
CA ASN A 197 -12.74 2.03 3.28
C ASN A 197 -13.14 0.83 2.44
N ILE A 198 -12.37 -0.26 2.46
CA ILE A 198 -12.73 -1.44 1.68
C ILE A 198 -12.61 -2.65 2.59
N GLU A 199 -12.69 -2.39 3.90
CA GLU A 199 -12.64 -3.45 4.91
C GLU A 199 -14.05 -3.98 5.14
N ASN A 200 -15.08 -3.15 4.90
CA ASN A 200 -16.43 -3.55 5.29
C ASN A 200 -17.16 -4.10 4.08
N TRP A 201 -17.46 -5.41 4.10
CA TRP A 201 -18.22 -6.03 3.01
C TRP A 201 -19.47 -5.24 2.61
N SER A 202 -20.17 -4.57 3.54
CA SER A 202 -21.46 -3.95 3.22
C SER A 202 -21.27 -2.57 2.61
N HIS A 203 -20.03 -2.14 2.52
CA HIS A 203 -19.75 -0.80 2.05
C HIS A 203 -19.74 -0.84 0.52
N ALA A 204 -20.31 0.21 -0.07
CA ALA A 204 -20.42 0.37 -1.52
C ALA A 204 -19.02 0.28 -2.13
N LYS A 205 -18.06 1.04 -1.55
CA LYS A 205 -16.68 1.05 -1.99
C LYS A 205 -16.11 -0.38 -2.07
N THR A 206 -16.28 -1.15 -1.00
CA THR A 206 -15.70 -2.46 -0.93
C THR A 206 -16.22 -3.31 -2.10
N GLN A 207 -17.48 -3.03 -2.51
CA GLN A 207 -18.18 -3.79 -3.54
C GLN A 207 -17.73 -3.37 -4.93
N ALA A 208 -17.60 -2.06 -5.16
CA ALA A 208 -16.98 -1.55 -6.37
C ALA A 208 -15.64 -2.23 -6.60
N MET A 209 -14.86 -2.40 -5.53
CA MET A 209 -13.50 -2.91 -5.66
C MET A 209 -13.54 -4.38 -6.01
N TYR A 210 -14.49 -5.07 -5.40
CA TYR A 210 -14.75 -6.47 -5.70
C TYR A 210 -15.10 -6.66 -7.17
N ASN A 211 -16.04 -5.84 -7.68
CA ASN A 211 -16.53 -5.92 -9.05
C ASN A 211 -15.38 -5.69 -10.03
N MET A 212 -14.59 -4.64 -9.76
CA MET A 212 -13.45 -4.33 -10.61
C MET A 212 -12.45 -5.49 -10.63
N VAL A 213 -12.09 -5.98 -9.44
CA VAL A 213 -11.07 -7.01 -9.34
C VAL A 213 -11.55 -8.30 -9.99
N ARG A 214 -12.86 -8.57 -9.85
CA ARG A 214 -13.47 -9.77 -10.38
C ARG A 214 -13.34 -9.75 -11.89
N ASP A 215 -13.79 -8.63 -12.45
CA ASP A 215 -13.66 -8.27 -13.85
C ASP A 215 -12.24 -8.53 -14.36
N PHE A 216 -11.22 -8.07 -13.62
CA PHE A 216 -9.83 -8.28 -14.00
C PHE A 216 -9.52 -9.77 -14.05
N LYS A 217 -9.87 -10.45 -12.96
CA LYS A 217 -9.51 -11.86 -12.90
C LYS A 217 -10.16 -12.62 -14.06
N GLU A 218 -11.36 -12.20 -14.45
CA GLU A 218 -12.05 -12.96 -15.48
C GLU A 218 -11.52 -12.58 -16.86
N ARG A 219 -11.02 -11.35 -17.01
CA ARG A 219 -10.57 -10.88 -18.31
C ARG A 219 -9.09 -11.16 -18.52
N GLY A 220 -8.44 -11.82 -17.55
CA GLY A 220 -7.00 -12.08 -17.61
C GLY A 220 -6.07 -10.92 -17.24
N VAL A 221 -6.61 -9.78 -16.75
CA VAL A 221 -5.77 -8.63 -16.39
C VAL A 221 -4.95 -9.05 -15.18
N PRO A 222 -3.61 -8.94 -15.18
CA PRO A 222 -2.85 -9.48 -14.05
C PRO A 222 -3.13 -8.57 -12.85
N VAL A 223 -3.52 -9.19 -11.74
CA VAL A 223 -3.69 -8.59 -10.43
C VAL A 223 -3.59 -9.73 -9.43
N ASP A 224 -2.77 -9.57 -8.38
CA ASP A 224 -2.59 -10.65 -7.44
C ASP A 224 -3.29 -10.36 -6.11
N GLY A 225 -3.53 -9.10 -5.80
CA GLY A 225 -3.89 -8.81 -4.43
C GLY A 225 -4.67 -7.52 -4.29
N VAL A 226 -5.48 -7.44 -3.25
CA VAL A 226 -6.12 -6.20 -2.85
C VAL A 226 -5.49 -5.75 -1.53
N GLY A 227 -5.13 -4.45 -1.45
CA GLY A 227 -4.55 -3.87 -0.26
C GLY A 227 -5.61 -3.10 0.52
N MET A 228 -6.01 -3.65 1.67
CA MET A 228 -6.94 -2.94 2.54
C MET A 228 -6.13 -2.07 3.51
N GLN A 229 -6.32 -0.74 3.49
CA GLN A 229 -5.49 0.10 4.35
C GLN A 229 -5.68 -0.19 5.83
N GLY A 230 -6.94 -0.46 6.22
CA GLY A 230 -7.23 -0.84 7.60
C GLY A 230 -7.07 0.31 8.58
N HIS A 231 -7.59 1.48 8.21
CA HIS A 231 -7.92 2.52 9.18
C HIS A 231 -9.28 2.15 9.77
N ILE A 232 -9.25 1.51 10.95
CA ILE A 232 -10.46 0.94 11.49
C ILE A 232 -10.66 1.46 12.92
N SER A 233 -11.93 1.51 13.33
CA SER A 233 -12.26 2.06 14.62
C SER A 233 -12.40 0.92 15.63
N LEU A 234 -12.88 1.28 16.84
CA LEU A 234 -12.94 0.35 17.94
C LEU A 234 -14.11 -0.62 17.75
N TYR A 235 -15.26 -0.09 17.31
CA TYR A 235 -16.50 -0.86 17.27
C TYR A 235 -16.91 -1.17 15.81
N TYR A 236 -16.30 -0.46 14.85
CA TYR A 236 -16.73 -0.54 13.47
C TYR A 236 -15.52 -0.56 12.54
N PRO A 237 -15.56 -1.29 11.40
CA PRO A 237 -16.63 -2.28 11.12
C PRO A 237 -16.55 -3.49 12.04
N SER A 238 -17.62 -4.28 12.06
CA SER A 238 -17.66 -5.50 12.89
C SER A 238 -16.73 -6.54 12.28
N LEU A 239 -16.20 -7.42 13.12
CA LEU A 239 -15.37 -8.51 12.65
C LEU A 239 -16.11 -9.31 11.57
N GLU A 240 -17.43 -9.42 11.70
CA GLU A 240 -18.24 -10.19 10.77
C GLU A 240 -18.13 -9.55 9.39
N GLU A 241 -18.29 -8.23 9.36
CA GLU A 241 -18.29 -7.46 8.12
C GLU A 241 -16.93 -7.56 7.42
N ILE A 242 -15.86 -7.61 8.21
CA ILE A 242 -14.52 -7.68 7.66
C ILE A 242 -14.35 -9.06 7.07
N GLU A 243 -14.97 -10.05 7.72
CA GLU A 243 -14.73 -11.43 7.38
C GLU A 243 -15.30 -11.75 6.00
N LYS A 244 -16.52 -11.27 5.77
CA LYS A 244 -17.21 -11.45 4.50
C LYS A 244 -16.38 -10.81 3.39
N ALA A 245 -15.70 -9.69 3.72
CA ALA A 245 -14.83 -9.04 2.74
C ALA A 245 -13.65 -9.94 2.41
N LEU A 246 -12.97 -10.49 3.44
CA LEU A 246 -11.84 -11.38 3.18
C LEU A 246 -12.29 -12.60 2.36
N LYS A 247 -13.42 -13.21 2.76
CA LYS A 247 -13.95 -14.37 2.05
C LYS A 247 -14.21 -14.04 0.58
N ALA A 248 -14.90 -12.92 0.32
CA ALA A 248 -15.27 -12.47 -1.01
C ALA A 248 -14.05 -12.31 -1.94
N PHE A 249 -13.01 -11.59 -1.48
CA PHE A 249 -11.86 -11.38 -2.35
C PHE A 249 -11.07 -12.67 -2.50
N ALA A 250 -10.96 -13.43 -1.41
CA ALA A 250 -10.24 -14.68 -1.50
C ALA A 250 -10.97 -15.65 -2.45
N ALA A 251 -12.29 -15.49 -2.59
CA ALA A 251 -13.00 -16.33 -3.55
C ALA A 251 -12.60 -16.00 -4.99
N LEU A 252 -12.23 -14.73 -5.26
CA LEU A 252 -11.76 -14.33 -6.58
C LEU A 252 -10.37 -14.88 -6.87
N GLY A 253 -9.72 -15.51 -5.89
CA GLY A 253 -8.34 -15.92 -6.09
C GLY A 253 -7.34 -14.76 -6.00
N VAL A 254 -7.68 -13.66 -5.31
CA VAL A 254 -6.70 -12.61 -5.07
C VAL A 254 -6.27 -12.66 -3.61
N GLU A 255 -5.02 -12.29 -3.31
CA GLU A 255 -4.60 -12.22 -1.90
C GLU A 255 -5.03 -10.89 -1.29
N ILE A 256 -4.93 -10.84 0.04
CA ILE A 256 -5.27 -9.66 0.79
C ILE A 256 -4.06 -9.26 1.62
N MET A 257 -3.78 -7.96 1.63
CA MET A 257 -2.87 -7.38 2.62
C MET A 257 -3.57 -6.26 3.37
N ILE A 258 -3.20 -6.11 4.65
CA ILE A 258 -3.59 -4.96 5.44
C ILE A 258 -2.36 -4.06 5.40
N THR A 259 -2.53 -2.85 4.87
CA THR A 259 -1.34 -2.10 4.44
C THR A 259 -0.99 -0.92 5.34
N GLU A 260 -1.96 -0.42 6.13
CA GLU A 260 -1.64 0.67 7.06
C GLU A 260 -2.49 0.55 8.33
N LEU A 261 -2.43 -0.61 8.97
CA LEU A 261 -3.38 -0.90 10.04
C LEU A 261 -3.26 0.17 11.12
N ASP A 262 -4.41 0.64 11.55
CA ASP A 262 -4.47 1.71 12.53
C ASP A 262 -5.84 1.67 13.19
N VAL A 263 -5.82 1.64 14.53
CA VAL A 263 -7.02 1.72 15.34
C VAL A 263 -6.90 2.94 16.25
N ASN A 264 -7.32 4.12 15.77
CA ASN A 264 -6.71 5.40 16.16
C ASN A 264 -6.76 5.65 17.68
N VAL A 269 -5.99 8.42 24.50
CA VAL A 269 -4.96 9.17 25.22
C VAL A 269 -4.67 8.47 26.55
N SER A 270 -5.74 8.14 27.30
CA SER A 270 -5.68 7.79 28.71
C SER A 270 -5.32 6.32 28.93
N PRO A 271 -5.36 5.80 30.18
CA PRO A 271 -5.02 4.40 30.46
C PRO A 271 -6.09 3.42 29.97
N ASP A 272 -7.36 3.84 30.03
CA ASP A 272 -8.51 3.09 29.53
C ASP A 272 -8.51 3.11 28.01
N ALA A 273 -8.08 4.23 27.42
CA ALA A 273 -8.03 4.33 25.97
C ALA A 273 -7.13 3.21 25.46
N LEU A 274 -5.91 3.11 26.02
CA LEU A 274 -4.93 2.17 25.51
C LEU A 274 -5.49 0.75 25.58
N GLN A 275 -6.09 0.37 26.71
CA GLN A 275 -6.50 -1.01 26.92
C GLN A 275 -7.63 -1.38 25.96
N GLU A 276 -8.46 -0.39 25.58
CA GLU A 276 -9.56 -0.64 24.64
C GLU A 276 -9.02 -0.94 23.24
N GLN A 277 -8.03 -0.15 22.80
CA GLN A 277 -7.42 -0.29 21.49
C GLN A 277 -6.67 -1.62 21.42
N ALA A 278 -6.01 -2.00 22.51
CA ALA A 278 -5.31 -3.27 22.59
C ALA A 278 -6.28 -4.45 22.45
N GLU A 279 -7.50 -4.31 22.97
CA GLU A 279 -8.41 -5.43 22.84
C GLU A 279 -8.96 -5.52 21.41
N ARG A 280 -9.27 -4.39 20.79
CA ARG A 280 -9.73 -4.41 19.41
C ARG A 280 -8.67 -5.08 18.53
N MET A 281 -7.40 -4.82 18.85
CA MET A 281 -6.29 -5.30 18.04
C MET A 281 -6.15 -6.80 18.18
N ARG A 282 -6.27 -7.27 19.42
CA ARG A 282 -6.39 -8.67 19.73
C ARG A 282 -7.45 -9.30 18.82
N ASP A 283 -8.64 -8.70 18.80
CA ASP A 283 -9.77 -9.26 18.08
C ASP A 283 -9.43 -9.37 16.59
N LEU A 284 -8.89 -8.28 16.03
CA LEU A 284 -8.63 -8.18 14.60
C LEU A 284 -7.60 -9.22 14.23
N PHE A 285 -6.58 -9.34 15.08
CA PHE A 285 -5.51 -10.27 14.79
C PHE A 285 -5.99 -11.70 14.89
N GLU A 286 -6.95 -11.95 15.80
CA GLU A 286 -7.63 -13.23 15.85
C GLU A 286 -8.28 -13.48 14.50
N LEU A 287 -9.03 -12.50 14.01
CA LEU A 287 -9.72 -12.64 12.75
C LEU A 287 -8.74 -12.81 11.60
N PHE A 288 -7.62 -12.04 11.60
CA PHE A 288 -6.61 -12.23 10.58
C PHE A 288 -6.04 -13.63 10.64
N LYS A 289 -5.80 -14.13 11.85
CA LYS A 289 -5.19 -15.45 11.95
C LYS A 289 -6.16 -16.50 11.40
N LYS A 290 -7.44 -16.35 11.76
CA LYS A 290 -8.50 -17.22 11.31
C LYS A 290 -8.43 -17.37 9.79
N HIS A 291 -8.12 -16.26 9.10
CA HIS A 291 -8.06 -16.23 7.65
C HIS A 291 -6.65 -15.99 7.13
N SER A 292 -5.64 -16.60 7.76
CA SER A 292 -4.25 -16.37 7.38
C SER A 292 -3.91 -16.88 5.97
N ASP A 293 -4.78 -17.73 5.42
CA ASP A 293 -4.56 -18.29 4.09
C ASP A 293 -4.89 -17.23 3.04
N LYS A 294 -5.68 -16.23 3.43
CA LYS A 294 -6.14 -15.21 2.48
C LYS A 294 -5.30 -13.94 2.58
N ILE A 295 -4.44 -13.84 3.62
CA ILE A 295 -3.75 -12.62 4.00
C ILE A 295 -2.25 -12.83 3.89
N THR A 296 -1.58 -11.99 3.11
CA THR A 296 -0.17 -12.21 2.84
C THR A 296 0.68 -11.08 3.41
N GLY A 297 0.10 -10.27 4.29
CA GLY A 297 0.96 -9.33 5.01
C GLY A 297 0.14 -8.32 5.79
N VAL A 298 0.68 -7.95 6.95
CA VAL A 298 0.03 -6.92 7.75
C VAL A 298 1.07 -5.87 8.09
N THR A 299 0.87 -4.64 7.56
CA THR A 299 1.77 -3.55 7.85
C THR A 299 1.03 -2.53 8.72
N PHE A 300 1.71 -2.03 9.75
CA PHE A 300 1.22 -0.98 10.63
C PHE A 300 1.46 0.40 10.04
N TRP A 301 0.44 1.27 10.15
CA TRP A 301 0.52 2.68 9.84
C TRP A 301 1.44 3.35 10.85
N GLY A 302 2.26 4.31 10.42
CA GLY A 302 3.18 4.89 11.39
C GLY A 302 3.74 6.25 10.99
N VAL A 303 2.86 7.26 10.93
CA VAL A 303 3.31 8.62 10.69
C VAL A 303 3.32 9.40 12.00
N ALA A 304 2.35 9.10 12.90
CA ALA A 304 2.14 9.74 14.18
C ALA A 304 3.30 10.69 14.53
N GLY A 317 9.08 12.36 19.13
CA GLY A 317 8.42 11.73 17.98
C GLY A 317 8.06 10.28 18.25
N ARG A 318 6.88 9.85 17.76
CA ARG A 318 6.35 8.51 17.91
C ARG A 318 7.06 7.56 16.95
N THR A 319 7.05 6.25 17.27
CA THR A 319 7.72 5.24 16.44
C THR A 319 6.96 5.04 15.13
N ASN A 320 7.53 4.22 14.23
CA ASN A 320 6.89 3.88 12.96
C ASN A 320 5.74 2.88 13.17
N ALA A 321 5.73 2.25 14.35
CA ALA A 321 4.61 1.42 14.78
C ALA A 321 4.05 1.95 16.10
N PRO A 322 3.32 3.09 16.10
CA PRO A 322 2.99 3.84 17.33
C PRO A 322 2.03 3.06 18.23
N LEU A 323 1.14 2.27 17.60
CA LEU A 323 0.32 1.26 18.26
C LEU A 323 1.14 0.40 19.22
N LEU A 324 2.36 0.03 18.84
CA LEU A 324 3.01 -1.11 19.47
C LEU A 324 4.14 -0.71 20.43
N PHE A 325 4.87 0.36 20.09
CA PHE A 325 6.07 0.74 20.85
C PHE A 325 6.00 2.21 21.20
N ASP A 326 6.31 2.52 22.48
CA ASP A 326 6.26 3.90 22.97
C ASP A 326 7.41 4.70 22.38
N ARG A 327 7.32 6.03 22.54
CA ARG A 327 8.34 6.97 22.14
C ARG A 327 9.73 6.55 22.61
N ASN A 328 9.83 5.68 23.63
CA ASN A 328 11.10 5.13 24.14
C ASN A 328 11.28 3.67 23.74
N TYR A 329 10.53 3.21 22.74
CA TYR A 329 10.78 1.87 22.19
C TYR A 329 10.35 0.78 23.18
N GLN A 330 9.47 1.13 24.12
CA GLN A 330 8.97 0.10 25.04
C GLN A 330 7.66 -0.47 24.50
N PRO A 331 7.41 -1.79 24.63
CA PRO A 331 6.13 -2.37 24.22
C PRO A 331 4.94 -1.63 24.84
N LYS A 332 3.90 -1.41 24.04
CA LYS A 332 2.68 -0.85 24.60
C LYS A 332 1.65 -1.96 24.85
N PRO A 333 0.49 -1.63 25.46
CA PRO A 333 -0.60 -2.61 25.65
C PRO A 333 -0.90 -3.46 24.41
N ALA A 334 -1.15 -2.79 23.27
CA ALA A 334 -1.47 -3.44 22.00
C ALA A 334 -0.46 -4.55 21.64
N PHE A 335 0.80 -4.34 22.00
CA PHE A 335 1.80 -5.28 21.55
C PHE A 335 1.63 -6.55 22.34
N TRP A 336 1.42 -6.39 23.66
CA TRP A 336 1.27 -7.59 24.47
C TRP A 336 -0.06 -8.29 24.13
N ALA A 337 -1.07 -7.53 23.68
CA ALA A 337 -2.36 -8.10 23.28
C ALA A 337 -2.21 -9.08 22.11
N ILE A 338 -1.30 -8.80 21.16
CA ILE A 338 -1.24 -9.64 19.98
C ILE A 338 -0.17 -10.73 20.08
N VAL A 339 0.77 -10.63 21.04
CA VAL A 339 1.81 -11.65 21.18
C VAL A 339 1.42 -12.57 22.34
#